data_6CQD
#
_entry.id   6CQD
#
_cell.length_a   146.886
_cell.length_b   51.882
_cell.length_c   107.500
_cell.angle_alpha   90.00
_cell.angle_beta   131.03
_cell.angle_gamma   90.00
#
_symmetry.space_group_name_H-M   'C 1 2 1'
#
loop_
_entity.id
_entity.type
_entity.pdbx_description
1 polymer 'Mitogen-activated protein kinase kinase kinase kinase 1'
2 non-polymer 'PHOSPHOAMINOPHOSPHONIC ACID-ADENYLATE ESTER'
3 non-polymer 'MAGNESIUM ION'
4 water water
#
_entity_poly.entity_id   1
_entity_poly.type   'polypeptide(L)'
_entity_poly.pdbx_seq_one_letter_code
;GSDVVDPDIFNRDPRDHYDLLQRLGGGTYGEVFKARDKVSGDLVALKMVKMEPDDDVSTLQKEILILKTCRHANIVAYHG
SYLWLQKLWICMEFCGAGSLQDIYQVTGSLSELQISYVCREVLQGLAYLHSQKKIHRDIKGANILINDAGEVRLADFGIS
AQIGAELARRLEFIGTPYWMAPEVAAVALKGGYNELCDIWSLGITAIELAELQPPLFDVHPLRVLFLMTKSGYQPPRLKE
KGKWSAAFHNFIKVTLTKSPKKRPSATKMLSHQLVSQPGLNRGLILDLLDKLKNGNS
;
_entity_poly.pdbx_strand_id   A,B
#
loop_
_chem_comp.id
_chem_comp.type
_chem_comp.name
_chem_comp.formula
ANP non-polymer 'PHOSPHOAMINOPHOSPHONIC ACID-ADENYLATE ESTER' 'C10 H17 N6 O12 P3'
MG non-polymer 'MAGNESIUM ION' 'Mg 2'
#
# COMPACT_ATOMS: atom_id res chain seq x y z
N ASP A 3 9.64 0.31 -22.65
CA ASP A 3 10.69 -0.71 -22.68
C ASP A 3 10.37 -1.84 -23.66
N VAL A 4 11.36 -2.22 -24.45
CA VAL A 4 11.21 -3.42 -25.25
C VAL A 4 12.12 -4.51 -24.66
N VAL A 5 11.84 -5.76 -25.00
CA VAL A 5 12.59 -6.90 -24.48
C VAL A 5 14.09 -6.66 -24.54
N ASP A 6 14.77 -6.97 -23.44
CA ASP A 6 16.22 -6.76 -23.32
C ASP A 6 16.99 -7.38 -24.49
N PRO A 7 18.02 -6.69 -25.00
CA PRO A 7 18.76 -7.14 -26.16
C PRO A 7 19.44 -8.50 -26.01
N ASP A 8 19.79 -8.87 -24.78
CA ASP A 8 20.54 -10.10 -24.54
C ASP A 8 19.67 -11.35 -24.50
N ILE A 9 18.36 -11.17 -24.42
CA ILE A 9 17.45 -12.30 -24.43
C ILE A 9 17.49 -13.02 -25.77
N PHE A 10 17.37 -14.34 -25.73
CA PHE A 10 17.38 -15.14 -26.95
C PHE A 10 15.96 -15.31 -27.49
N ASN A 11 15.79 -14.98 -28.76
CA ASN A 11 14.51 -15.15 -29.42
C ASN A 11 14.46 -16.49 -30.12
N ARG A 12 14.37 -17.55 -29.31
CA ARG A 12 14.28 -18.93 -29.81
C ARG A 12 13.69 -19.82 -28.73
N ASP A 13 13.36 -21.05 -29.11
CA ASP A 13 12.79 -22.02 -28.20
C ASP A 13 13.92 -22.68 -27.38
N PRO A 14 13.86 -22.54 -26.04
CA PRO A 14 14.88 -23.08 -25.12
C PRO A 14 15.18 -24.55 -25.36
N ARG A 15 14.17 -25.28 -25.82
CA ARG A 15 14.28 -26.71 -26.05
C ARG A 15 15.13 -27.03 -27.28
N ASP A 16 15.51 -26.01 -28.03
CA ASP A 16 16.49 -26.19 -29.10
C ASP A 16 17.88 -26.36 -28.50
N HIS A 17 18.05 -25.91 -27.26
CA HIS A 17 19.34 -25.97 -26.60
C HIS A 17 19.35 -26.96 -25.43
N TYR A 18 18.19 -27.15 -24.79
CA TYR A 18 18.15 -27.97 -23.58
C TYR A 18 17.10 -29.07 -23.66
N ASP A 19 17.44 -30.24 -23.10
CA ASP A 19 16.45 -31.29 -22.87
C ASP A 19 15.84 -31.12 -21.48
N LEU A 20 14.52 -31.18 -21.37
CA LEU A 20 13.86 -31.08 -20.08
C LEU A 20 13.78 -32.46 -19.42
N LEU A 21 14.27 -32.57 -18.19
CA LEU A 21 14.39 -33.86 -17.51
C LEU A 21 13.32 -34.07 -16.44
N GLN A 22 13.01 -33.03 -15.67
CA GLN A 22 12.12 -33.16 -14.54
C GLN A 22 11.57 -31.80 -14.08
N ARG A 23 10.30 -31.78 -13.68
CA ARG A 23 9.73 -30.60 -13.06
C ARG A 23 10.29 -30.44 -11.64
N LEU A 24 10.90 -29.29 -11.36
CA LEU A 24 11.48 -29.03 -10.04
C LEU A 24 10.47 -28.35 -9.14
N GLY A 25 9.33 -28.00 -9.72
CA GLY A 25 8.29 -27.35 -8.96
C GLY A 25 7.81 -26.10 -9.67
N GLY A 26 7.63 -25.04 -8.90
CA GLY A 26 7.02 -23.84 -9.40
C GLY A 26 5.62 -23.77 -8.85
N GLY A 27 5.08 -22.57 -8.71
CA GLY A 27 3.78 -22.41 -8.11
C GLY A 27 2.63 -22.66 -9.06
N THR A 28 1.60 -21.85 -8.92
CA THR A 28 0.40 -21.99 -9.73
C THR A 28 0.63 -21.52 -11.16
N TYR A 29 1.53 -20.56 -11.33
CA TYR A 29 1.62 -19.85 -12.60
C TYR A 29 2.84 -20.17 -13.46
N GLY A 30 3.86 -20.80 -12.89
CA GLY A 30 5.07 -21.06 -13.66
C GLY A 30 5.90 -22.23 -13.18
N GLU A 31 6.45 -22.99 -14.13
CA GLU A 31 7.21 -24.18 -13.79
C GLU A 31 8.72 -24.01 -13.91
N VAL A 32 9.44 -24.73 -13.06
CA VAL A 32 10.89 -24.77 -13.10
C VAL A 32 11.31 -26.18 -13.51
N PHE A 33 12.21 -26.27 -14.48
CA PHE A 33 12.64 -27.57 -14.98
C PHE A 33 14.11 -27.82 -14.73
N LYS A 34 14.44 -29.02 -14.31
CA LYS A 34 15.81 -29.49 -14.42
C LYS A 34 16.03 -29.81 -15.90
N ALA A 35 17.04 -29.19 -16.50
CA ALA A 35 17.32 -29.43 -17.91
C ALA A 35 18.79 -29.73 -18.15
N ARG A 36 19.09 -30.30 -19.31
CA ARG A 36 20.47 -30.61 -19.67
C ARG A 36 20.83 -30.02 -21.03
N ASP A 37 21.98 -29.36 -21.09
CA ASP A 37 22.52 -28.80 -22.32
C ASP A 37 22.79 -29.92 -23.33
N LYS A 38 22.16 -29.82 -24.50
CA LYS A 38 22.23 -30.88 -25.52
C LYS A 38 23.64 -31.10 -26.09
N VAL A 39 24.50 -30.11 -25.99
CA VAL A 39 25.86 -30.22 -26.50
C VAL A 39 26.87 -30.38 -25.35
N SER A 40 26.76 -29.50 -24.37
CA SER A 40 27.68 -29.46 -23.24
C SER A 40 27.46 -30.63 -22.27
N GLY A 41 26.21 -31.03 -22.11
CA GLY A 41 25.86 -32.04 -21.13
C GLY A 41 25.69 -31.42 -19.74
N ASP A 42 25.91 -30.11 -19.64
CA ASP A 42 25.79 -29.40 -18.37
C ASP A 42 24.35 -29.24 -17.93
N LEU A 43 24.12 -29.36 -16.62
CA LEU A 43 22.78 -29.22 -16.07
C LEU A 43 22.47 -27.76 -15.75
N VAL A 44 21.23 -27.34 -16.02
CA VAL A 44 20.77 -26.02 -15.68
C VAL A 44 19.37 -26.10 -15.12
N ALA A 45 18.85 -24.98 -14.62
CA ALA A 45 17.45 -24.90 -14.27
C ALA A 45 16.75 -23.89 -15.18
N LEU A 46 15.66 -24.30 -15.80
CA LEU A 46 14.90 -23.38 -16.64
C LEU A 46 13.62 -22.98 -15.93
N LYS A 47 13.45 -21.67 -15.70
CA LYS A 47 12.22 -21.17 -15.09
C LYS A 47 11.32 -20.49 -16.13
N MET A 48 10.15 -21.07 -16.32
CA MET A 48 9.12 -20.53 -17.21
C MET A 48 8.24 -19.57 -16.41
N VAL A 49 8.45 -18.26 -16.58
CA VAL A 49 7.80 -17.29 -15.72
C VAL A 49 6.51 -16.74 -16.33
N ASP A 54 -3.54 -9.69 -18.75
CA ASP A 54 -2.72 -10.13 -17.64
C ASP A 54 -1.70 -9.05 -17.28
N ASP A 55 -0.45 -9.47 -17.08
CA ASP A 55 0.62 -8.55 -16.71
C ASP A 55 1.29 -7.98 -17.97
N ASP A 56 2.60 -7.74 -17.92
CA ASP A 56 3.28 -7.18 -19.07
C ASP A 56 4.66 -7.81 -19.33
N VAL A 57 4.95 -8.07 -20.59
CA VAL A 57 6.23 -8.68 -20.99
C VAL A 57 7.42 -7.86 -20.51
N SER A 58 7.34 -6.54 -20.70
CA SER A 58 8.42 -5.64 -20.32
C SER A 58 8.55 -5.49 -18.81
N THR A 59 7.49 -5.81 -18.07
CA THR A 59 7.55 -5.69 -16.62
C THR A 59 7.83 -7.05 -15.97
N LEU A 60 7.49 -8.13 -16.68
CA LEU A 60 7.76 -9.47 -16.19
C LEU A 60 9.25 -9.79 -16.33
N GLN A 61 9.88 -9.18 -17.33
CA GLN A 61 11.29 -9.44 -17.63
C GLN A 61 12.21 -8.74 -16.63
N LYS A 62 11.63 -7.92 -15.77
CA LYS A 62 12.40 -7.25 -14.71
C LYS A 62 13.08 -8.28 -13.81
N GLU A 63 12.45 -9.44 -13.65
CA GLU A 63 13.03 -10.52 -12.87
C GLU A 63 14.35 -10.98 -13.51
N ILE A 64 14.37 -11.06 -14.83
CA ILE A 64 15.59 -11.42 -15.55
C ILE A 64 16.70 -10.40 -15.31
N LEU A 65 16.39 -9.11 -15.46
CA LEU A 65 17.35 -8.03 -15.24
C LEU A 65 17.95 -8.08 -13.84
N ILE A 66 17.12 -8.32 -12.84
CA ILE A 66 17.60 -8.39 -11.46
C ILE A 66 18.61 -9.53 -11.32
N LEU A 67 18.20 -10.72 -11.73
CA LEU A 67 19.04 -11.90 -11.64
C LEU A 67 20.31 -11.73 -12.45
N LYS A 68 20.19 -11.13 -13.62
CA LYS A 68 21.30 -10.96 -14.54
C LYS A 68 22.37 -10.00 -14.01
N THR A 69 21.92 -8.96 -13.30
CA THR A 69 22.82 -7.96 -12.75
C THR A 69 23.35 -8.37 -11.38
N CYS A 70 22.89 -9.50 -10.86
CA CYS A 70 23.46 -10.06 -9.64
C CYS A 70 24.55 -11.06 -9.94
N ARG A 71 25.74 -10.80 -9.41
CA ARG A 71 26.82 -11.77 -9.52
C ARG A 71 27.49 -11.91 -8.16
N HIS A 72 26.78 -12.60 -7.28
CA HIS A 72 27.16 -12.76 -5.89
C HIS A 72 27.01 -14.21 -5.50
N ALA A 73 27.91 -14.69 -4.64
CA ALA A 73 27.97 -16.10 -4.30
C ALA A 73 26.75 -16.60 -3.53
N ASN A 74 25.93 -15.68 -3.02
CA ASN A 74 24.72 -16.08 -2.32
C ASN A 74 23.44 -15.75 -3.07
N ILE A 75 23.57 -15.53 -4.37
CA ILE A 75 22.42 -15.33 -5.27
C ILE A 75 22.55 -16.28 -6.44
N VAL A 76 21.48 -17.02 -6.73
CA VAL A 76 21.52 -18.04 -7.78
C VAL A 76 22.04 -17.46 -9.10
N ALA A 77 22.96 -18.20 -9.74
CA ALA A 77 23.69 -17.72 -10.90
C ALA A 77 22.84 -17.75 -12.15
N TYR A 78 22.93 -16.68 -12.92
CA TYR A 78 22.14 -16.50 -14.14
C TYR A 78 22.91 -16.94 -15.37
N HIS A 79 22.28 -17.76 -16.21
CA HIS A 79 22.91 -18.21 -17.46
C HIS A 79 22.37 -17.44 -18.66
N GLY A 80 21.05 -17.36 -18.78
CA GLY A 80 20.44 -16.67 -19.90
C GLY A 80 18.92 -16.66 -19.88
N SER A 81 18.33 -16.11 -20.94
CA SER A 81 16.88 -16.02 -21.01
C SER A 81 16.36 -16.15 -22.44
N TYR A 82 15.14 -16.66 -22.55
CA TYR A 82 14.53 -16.89 -23.85
C TYR A 82 13.14 -16.28 -23.89
N LEU A 83 12.79 -15.72 -25.04
CA LEU A 83 11.41 -15.34 -25.33
C LEU A 83 10.92 -16.19 -26.49
N TRP A 84 9.93 -17.04 -26.22
CA TRP A 84 9.43 -17.92 -27.25
C TRP A 84 7.94 -18.06 -27.13
N LEU A 85 7.21 -17.72 -28.19
CA LEU A 85 5.75 -17.77 -28.17
C LEU A 85 5.18 -17.03 -26.96
N GLN A 86 4.41 -17.77 -26.15
CA GLN A 86 3.72 -17.19 -25.00
C GLN A 86 4.45 -17.40 -23.66
N LYS A 87 5.78 -17.42 -23.68
CA LYS A 87 6.52 -17.75 -22.48
C LYS A 87 7.92 -17.11 -22.39
N LEU A 88 8.22 -16.59 -21.21
CA LEU A 88 9.56 -16.09 -20.87
C LEU A 88 10.28 -17.12 -20.03
N TRP A 89 11.51 -17.45 -20.42
CA TRP A 89 12.30 -18.46 -19.72
C TRP A 89 13.59 -17.89 -19.12
N ILE A 90 13.84 -18.22 -17.86
CA ILE A 90 15.09 -17.87 -17.22
C ILE A 90 15.97 -19.11 -17.10
N CYS A 91 17.18 -19.02 -17.63
CA CYS A 91 18.13 -20.13 -17.51
C CYS A 91 19.12 -19.81 -16.42
N MET A 92 19.17 -20.65 -15.40
CA MET A 92 20.01 -20.37 -14.25
C MET A 92 20.73 -21.62 -13.78
N GLU A 93 21.62 -21.43 -12.81
CA GLU A 93 22.34 -22.55 -12.21
C GLU A 93 21.38 -23.54 -11.60
N PHE A 94 21.62 -24.83 -11.83
CA PHE A 94 20.82 -25.89 -11.21
C PHE A 94 21.34 -26.19 -9.81
N CYS A 95 20.51 -25.94 -8.80
CA CYS A 95 20.89 -26.24 -7.43
C CYS A 95 20.32 -27.59 -7.05
N GLY A 96 21.21 -28.58 -6.94
CA GLY A 96 20.83 -29.99 -6.90
C GLY A 96 19.91 -30.44 -5.78
N ALA A 97 20.05 -29.81 -4.62
CA ALA A 97 19.25 -30.18 -3.45
C ALA A 97 17.96 -29.38 -3.36
N GLY A 98 17.71 -28.52 -4.34
CA GLY A 98 16.54 -27.67 -4.35
C GLY A 98 16.50 -26.71 -3.18
N SER A 99 15.30 -26.33 -2.77
CA SER A 99 15.13 -25.31 -1.73
C SER A 99 15.21 -25.92 -0.35
N LEU A 100 15.48 -25.07 0.63
CA LEU A 100 15.51 -25.50 2.03
C LEU A 100 14.22 -26.16 2.45
N GLN A 101 13.09 -25.69 1.91
CA GLN A 101 11.81 -26.30 2.22
C GLN A 101 11.74 -27.73 1.67
N ASP A 102 12.16 -27.90 0.41
CA ASP A 102 12.29 -29.22 -0.18
C ASP A 102 13.08 -30.14 0.73
N ILE A 103 14.18 -29.61 1.24
CA ILE A 103 15.11 -30.36 2.07
C ILE A 103 14.54 -30.71 3.45
N TYR A 104 14.07 -29.71 4.20
CA TYR A 104 13.65 -30.00 5.58
C TYR A 104 12.37 -30.84 5.62
N GLN A 105 11.59 -30.81 4.54
CA GLN A 105 10.42 -31.68 4.44
C GLN A 105 10.82 -33.16 4.41
N VAL A 106 12.10 -33.43 4.24
CA VAL A 106 12.61 -34.79 4.21
C VAL A 106 13.50 -35.07 5.43
N THR A 107 14.37 -34.11 5.76
CA THR A 107 15.34 -34.29 6.83
C THR A 107 14.80 -33.91 8.21
N GLY A 108 13.74 -33.10 8.24
CA GLY A 108 13.24 -32.55 9.49
C GLY A 108 13.95 -31.26 9.83
N SER A 109 13.77 -30.78 11.06
CA SER A 109 14.30 -29.48 11.45
C SER A 109 15.82 -29.46 11.38
N LEU A 110 16.37 -28.31 11.02
CA LEU A 110 17.81 -28.11 10.95
C LEU A 110 18.39 -27.88 12.33
N SER A 111 19.68 -28.12 12.49
CA SER A 111 20.35 -27.84 13.75
C SER A 111 20.53 -26.34 13.88
N GLU A 112 20.83 -25.87 15.08
CA GLU A 112 20.97 -24.43 15.27
C GLU A 112 22.17 -23.89 14.51
N LEU A 113 23.28 -24.64 14.52
CA LEU A 113 24.46 -24.26 13.76
C LEU A 113 24.15 -24.17 12.27
N GLN A 114 23.36 -25.11 11.77
CA GLN A 114 22.97 -25.11 10.38
C GLN A 114 22.07 -23.92 10.04
N ILE A 115 21.13 -23.61 10.92
CA ILE A 115 20.29 -22.43 10.76
C ILE A 115 21.14 -21.17 10.79
N SER A 116 22.06 -21.10 11.75
CA SER A 116 23.00 -19.97 11.87
C SER A 116 23.78 -19.74 10.58
N TYR A 117 24.25 -20.84 9.97
CA TYR A 117 25.01 -20.75 8.72
C TYR A 117 24.12 -20.23 7.58
N VAL A 118 22.93 -20.79 7.43
CA VAL A 118 21.98 -20.27 6.44
C VAL A 118 21.70 -18.78 6.64
N CYS A 119 21.45 -18.38 7.88
CA CYS A 119 21.19 -16.98 8.18
C CYS A 119 22.34 -16.06 7.77
N ARG A 120 23.57 -16.47 8.09
CA ARG A 120 24.75 -15.71 7.68
C ARG A 120 24.82 -15.54 6.15
N GLU A 121 24.55 -16.61 5.42
CA GLU A 121 24.69 -16.60 3.97
C GLU A 121 23.57 -15.79 3.32
N VAL A 122 22.34 -15.96 3.81
CA VAL A 122 21.22 -15.13 3.38
C VAL A 122 21.53 -13.65 3.64
N LEU A 123 22.06 -13.35 4.82
CA LEU A 123 22.37 -11.98 5.19
C LEU A 123 23.39 -11.37 4.24
N GLN A 124 24.39 -12.15 3.84
CA GLN A 124 25.38 -11.66 2.87
C GLN A 124 24.71 -11.37 1.53
N GLY A 125 23.81 -12.26 1.10
CA GLY A 125 23.07 -12.04 -0.13
C GLY A 125 22.24 -10.76 -0.03
N LEU A 126 21.57 -10.60 1.10
CA LEU A 126 20.71 -9.43 1.34
C LEU A 126 21.51 -8.13 1.41
N ALA A 127 22.66 -8.15 2.08
CA ALA A 127 23.53 -6.97 2.13
C ALA A 127 23.95 -6.52 0.72
N TYR A 128 24.28 -7.49 -0.13
CA TYR A 128 24.60 -7.24 -1.53
C TYR A 128 23.43 -6.58 -2.25
N LEU A 129 22.27 -7.22 -2.17
CA LEU A 129 21.07 -6.75 -2.84
C LEU A 129 20.68 -5.35 -2.39
N HIS A 130 20.71 -5.12 -1.08
CA HIS A 130 20.30 -3.84 -0.51
C HIS A 130 21.26 -2.71 -0.88
N SER A 131 22.54 -3.05 -1.08
CA SER A 131 23.51 -2.03 -1.48
C SER A 131 23.23 -1.58 -2.92
N GLN A 132 22.47 -2.38 -3.66
CA GLN A 132 22.05 -2.01 -5.01
C GLN A 132 20.62 -1.48 -5.01
N LYS A 133 20.13 -1.17 -3.81
CA LYS A 133 18.75 -0.69 -3.62
C LYS A 133 17.72 -1.66 -4.19
N LYS A 134 18.02 -2.94 -4.07
CA LYS A 134 17.06 -3.99 -4.40
C LYS A 134 16.46 -4.54 -3.10
N ILE A 135 15.22 -5.01 -3.20
CA ILE A 135 14.55 -5.62 -2.07
C ILE A 135 14.08 -6.98 -2.55
N HIS A 136 14.32 -8.02 -1.76
CA HIS A 136 13.91 -9.35 -2.20
C HIS A 136 12.41 -9.51 -2.05
N ARG A 137 11.91 -9.15 -0.85
CA ARG A 137 10.48 -9.13 -0.52
C ARG A 137 9.84 -10.51 -0.40
N ASP A 138 10.57 -11.57 -0.73
CA ASP A 138 9.99 -12.90 -0.66
C ASP A 138 10.96 -13.91 -0.02
N ILE A 139 11.66 -13.48 1.02
CA ILE A 139 12.58 -14.35 1.72
C ILE A 139 11.83 -15.43 2.50
N LYS A 140 12.16 -16.69 2.21
CA LYS A 140 11.56 -17.86 2.87
C LYS A 140 12.30 -19.13 2.44
N GLY A 141 12.12 -20.21 3.19
CA GLY A 141 12.73 -21.49 2.89
C GLY A 141 12.61 -21.91 1.42
N ALA A 142 11.42 -21.79 0.85
CA ALA A 142 11.18 -22.21 -0.53
C ALA A 142 11.99 -21.41 -1.54
N ASN A 143 12.50 -20.26 -1.13
CA ASN A 143 13.25 -19.40 -2.04
C ASN A 143 14.76 -19.33 -1.75
N ILE A 144 15.21 -20.19 -0.85
CA ILE A 144 16.63 -20.31 -0.58
C ILE A 144 17.08 -21.67 -1.08
N LEU A 145 17.96 -21.69 -2.09
CA LEU A 145 18.37 -22.94 -2.71
C LEU A 145 19.72 -23.42 -2.21
N ILE A 146 19.89 -24.74 -2.20
CA ILE A 146 21.17 -25.36 -1.84
C ILE A 146 21.66 -26.21 -3.01
N ASN A 147 22.88 -25.97 -3.46
CA ASN A 147 23.46 -26.79 -4.52
C ASN A 147 24.37 -27.89 -3.95
N ASP A 148 24.94 -28.70 -4.83
CA ASP A 148 25.70 -29.87 -4.38
C ASP A 148 27.02 -29.52 -3.68
N ALA A 149 27.48 -28.29 -3.89
CA ALA A 149 28.68 -27.80 -3.21
C ALA A 149 28.35 -27.22 -1.83
N GLY A 150 27.10 -27.36 -1.41
CA GLY A 150 26.67 -26.87 -0.11
C GLY A 150 26.59 -25.35 -0.03
N GLU A 151 26.38 -24.72 -1.18
CA GLU A 151 26.24 -23.27 -1.23
C GLU A 151 24.80 -22.82 -1.08
N VAL A 152 24.63 -21.70 -0.39
CA VAL A 152 23.32 -21.14 -0.11
C VAL A 152 23.03 -19.98 -1.07
N ARG A 153 21.98 -20.12 -1.88
CA ARG A 153 21.69 -19.16 -2.94
C ARG A 153 20.26 -18.63 -2.87
N LEU A 154 20.14 -17.30 -2.81
CA LEU A 154 18.83 -16.65 -2.92
C LEU A 154 18.28 -16.81 -4.32
N ALA A 155 16.99 -17.10 -4.42
CA ALA A 155 16.32 -17.21 -5.72
C ALA A 155 14.91 -16.60 -5.68
N ASP A 156 14.20 -16.63 -6.81
CA ASP A 156 12.82 -16.15 -6.95
C ASP A 156 12.71 -14.64 -6.73
N PHE A 157 12.98 -13.89 -7.78
CA PHE A 157 12.97 -12.44 -7.71
C PHE A 157 11.74 -11.86 -8.39
N GLY A 158 10.67 -12.65 -8.48
CA GLY A 158 9.43 -12.21 -9.10
C GLY A 158 8.85 -10.98 -8.43
N ILE A 159 8.68 -11.04 -7.11
CA ILE A 159 8.12 -9.91 -6.39
C ILE A 159 9.14 -8.77 -6.30
N SER A 160 10.42 -9.13 -6.18
CA SER A 160 11.49 -8.14 -6.21
C SER A 160 11.43 -7.30 -7.48
N ALA A 161 11.01 -7.94 -8.57
CA ALA A 161 10.91 -7.27 -9.86
C ALA A 161 9.87 -6.15 -9.82
N GLN A 162 8.83 -6.33 -9.01
CA GLN A 162 7.82 -5.29 -8.82
C GLN A 162 8.39 -4.09 -8.05
N ILE A 163 9.30 -4.35 -7.14
CA ILE A 163 9.97 -3.28 -6.42
C ILE A 163 10.89 -2.48 -7.35
N GLY A 164 11.80 -3.17 -8.02
CA GLY A 164 12.74 -2.53 -8.94
C GLY A 164 12.06 -1.69 -10.02
N ALA A 165 10.93 -2.17 -10.53
CA ALA A 165 10.19 -1.46 -11.57
C ALA A 165 9.66 -0.11 -11.06
N GLU A 166 9.27 -0.06 -9.80
CA GLU A 166 8.75 1.17 -9.23
C GLU A 166 9.86 2.19 -8.97
N LEU A 167 11.07 1.70 -8.70
CA LEU A 167 12.18 2.58 -8.34
C LEU A 167 12.82 3.26 -9.55
N ALA A 168 12.62 2.67 -10.73
CA ALA A 168 13.16 3.23 -11.96
C ALA A 168 12.28 4.37 -12.45
N ARG A 169 11.03 4.40 -11.98
CA ARG A 169 10.06 5.39 -12.42
C ARG A 169 10.03 6.61 -11.51
N ARG A 170 9.56 7.73 -12.04
CA ARG A 170 9.49 8.97 -11.30
C ARG A 170 8.47 8.91 -10.17
N LEU A 171 8.49 9.92 -9.30
CA LEU A 171 7.55 10.00 -8.20
C LEU A 171 6.19 10.49 -8.70
N GLU A 172 5.20 9.59 -8.63
CA GLU A 172 3.85 9.90 -9.07
C GLU A 172 2.91 9.93 -7.88
N PHE A 173 1.88 10.78 -7.96
CA PHE A 173 1.01 11.02 -6.82
C PHE A 173 -0.44 10.59 -7.06
N ILE A 174 -1.19 10.51 -5.97
CA ILE A 174 -2.62 10.25 -6.06
C ILE A 174 -3.39 11.52 -5.70
N GLY A 175 -2.99 12.18 -4.60
CA GLY A 175 -3.68 13.38 -4.14
C GLY A 175 -2.78 14.57 -3.89
N THR A 176 -3.27 15.47 -3.03
CA THR A 176 -2.53 16.68 -2.68
C THR A 176 -1.95 16.57 -1.26
N PRO A 177 -0.67 16.97 -1.10
CA PRO A 177 0.08 16.68 0.13
C PRO A 177 -0.38 17.45 1.38
N TYR A 178 -0.81 18.69 1.23
CA TYR A 178 -1.10 19.56 2.37
C TYR A 178 -2.12 18.99 3.37
N TRP A 179 -3.04 18.17 2.89
CA TRP A 179 -4.09 17.64 3.74
C TRP A 179 -3.82 16.21 4.10
N MET A 180 -2.75 15.65 3.53
CA MET A 180 -2.36 14.29 3.80
C MET A 180 -1.88 14.11 5.23
N ALA A 181 -2.24 12.99 5.82
CA ALA A 181 -1.66 12.60 7.10
C ALA A 181 -0.20 12.20 6.86
N PRO A 182 0.68 12.43 7.85
CA PRO A 182 2.11 12.11 7.73
C PRO A 182 2.35 10.66 7.31
N GLU A 183 1.49 9.75 7.73
CA GLU A 183 1.64 8.35 7.36
C GLU A 183 1.19 8.12 5.91
N VAL A 184 0.27 8.95 5.43
CA VAL A 184 -0.15 8.92 4.02
C VAL A 184 0.97 9.49 3.16
N ALA A 185 1.57 10.58 3.65
CA ALA A 185 2.71 11.21 3.00
C ALA A 185 3.87 10.22 2.81
N ALA A 186 4.21 9.50 3.88
CA ALA A 186 5.32 8.56 3.87
C ALA A 186 5.12 7.50 2.80
N VAL A 187 3.95 6.87 2.80
CA VAL A 187 3.62 5.88 1.79
C VAL A 187 3.69 6.44 0.38
N ALA A 188 3.10 7.61 0.19
CA ALA A 188 3.08 8.24 -1.12
C ALA A 188 4.50 8.50 -1.62
N LEU A 189 5.40 8.80 -0.69
CA LEU A 189 6.77 9.15 -1.05
C LEU A 189 7.69 7.93 -1.13
N LYS A 190 7.91 7.29 0.01
CA LYS A 190 8.88 6.20 0.11
C LYS A 190 8.27 4.82 -0.09
N GLY A 191 6.96 4.76 -0.28
CA GLY A 191 6.26 3.48 -0.24
C GLY A 191 6.07 3.09 1.21
N GLY A 192 5.30 2.03 1.45
CA GLY A 192 5.00 1.65 2.82
C GLY A 192 6.06 0.86 3.55
N TYR A 193 7.13 0.48 2.85
CA TYR A 193 8.20 -0.31 3.47
C TYR A 193 9.51 -0.15 2.73
N ASN A 194 10.60 -0.63 3.33
CA ASN A 194 11.88 -0.68 2.65
C ASN A 194 12.57 -2.04 2.81
N GLU A 195 13.87 -2.06 2.54
CA GLU A 195 14.63 -3.32 2.50
C GLU A 195 14.64 -4.08 3.84
N LEU A 196 14.39 -3.37 4.93
CA LEU A 196 14.43 -3.98 6.26
C LEU A 196 13.33 -5.00 6.44
N CYS A 197 12.38 -5.00 5.51
CA CYS A 197 11.36 -6.04 5.50
C CYS A 197 11.98 -7.43 5.24
N ASP A 198 13.10 -7.49 4.53
CA ASP A 198 13.81 -8.75 4.30
C ASP A 198 14.43 -9.29 5.59
N ILE A 199 14.83 -8.38 6.47
CA ILE A 199 15.42 -8.77 7.75
C ILE A 199 14.36 -9.46 8.61
N TRP A 200 13.14 -8.93 8.62
CA TRP A 200 12.03 -9.58 9.32
C TRP A 200 11.76 -10.96 8.73
N SER A 201 11.70 -11.04 7.40
CA SER A 201 11.38 -12.30 6.75
C SER A 201 12.43 -13.37 7.09
N LEU A 202 13.69 -12.96 7.23
CA LEU A 202 14.75 -13.90 7.56
C LEU A 202 14.52 -14.46 8.96
N GLY A 203 14.08 -13.59 9.86
CA GLY A 203 13.74 -14.01 11.21
C GLY A 203 12.67 -15.08 11.21
N ILE A 204 11.63 -14.88 10.40
CA ILE A 204 10.57 -15.88 10.26
C ILE A 204 11.13 -17.16 9.63
N THR A 205 12.02 -17.00 8.65
CA THR A 205 12.62 -18.15 7.98
C THR A 205 13.42 -19.00 8.97
N ALA A 206 14.16 -18.36 9.85
CA ALA A 206 14.92 -19.07 10.88
C ALA A 206 14.00 -19.91 11.76
N ILE A 207 12.87 -19.34 12.18
CA ILE A 207 11.87 -20.10 12.92
C ILE A 207 11.33 -21.25 12.07
N GLU A 208 11.09 -20.98 10.79
CA GLU A 208 10.62 -21.98 9.85
C GLU A 208 11.60 -23.16 9.73
N LEU A 209 12.89 -22.87 9.67
CA LEU A 209 13.89 -23.92 9.56
C LEU A 209 13.99 -24.70 10.87
N ALA A 210 13.62 -24.05 11.96
CA ALA A 210 13.74 -24.64 13.28
C ALA A 210 12.53 -25.49 13.62
N GLU A 211 11.38 -25.14 13.06
CA GLU A 211 10.12 -25.73 13.51
C GLU A 211 9.28 -26.28 12.37
N LEU A 212 9.83 -26.17 11.16
CA LEU A 212 9.25 -26.73 9.92
C LEU A 212 8.00 -26.00 9.45
N GLN A 213 7.61 -24.94 10.17
CA GLN A 213 6.49 -24.09 9.77
C GLN A 213 6.77 -22.66 10.20
N PRO A 214 6.30 -21.69 9.41
CA PRO A 214 6.37 -20.32 9.93
C PRO A 214 5.34 -20.17 11.05
N PRO A 215 5.52 -19.20 11.95
CA PRO A 215 4.54 -18.94 12.99
C PRO A 215 3.15 -18.62 12.42
N LEU A 216 2.11 -19.12 13.10
CA LEU A 216 0.71 -18.86 12.73
C LEU A 216 0.30 -19.50 11.41
N PHE A 217 1.02 -20.54 11.00
CA PHE A 217 0.76 -21.24 9.74
C PHE A 217 -0.64 -21.85 9.67
N ASP A 218 -1.16 -22.29 10.81
CA ASP A 218 -2.46 -22.96 10.86
C ASP A 218 -3.63 -21.98 10.88
N VAL A 219 -3.32 -20.70 11.01
CA VAL A 219 -4.35 -19.67 11.03
C VAL A 219 -4.65 -19.18 9.61
N HIS A 220 -5.92 -18.87 9.36
CA HIS A 220 -6.34 -18.33 8.06
C HIS A 220 -5.52 -17.09 7.70
N PRO A 221 -5.02 -17.05 6.44
CA PRO A 221 -4.14 -15.98 5.96
C PRO A 221 -4.68 -14.58 6.20
N LEU A 222 -5.95 -14.36 5.86
CA LEU A 222 -6.55 -13.03 6.02
C LEU A 222 -6.60 -12.63 7.49
N ARG A 223 -6.84 -13.61 8.35
CA ARG A 223 -6.84 -13.36 9.79
C ARG A 223 -5.43 -12.95 10.24
N VAL A 224 -4.42 -13.63 9.74
CA VAL A 224 -3.03 -13.29 10.07
C VAL A 224 -2.71 -11.88 9.60
N LEU A 225 -3.15 -11.55 8.39
CA LEU A 225 -2.93 -10.22 7.83
C LEU A 225 -3.60 -9.14 8.69
N PHE A 226 -4.84 -9.41 9.11
CA PHE A 226 -5.54 -8.46 9.97
C PHE A 226 -4.86 -8.33 11.32
N LEU A 227 -4.37 -9.44 11.85
CA LEU A 227 -3.67 -9.44 13.13
C LEU A 227 -2.40 -8.60 13.09
N MET A 228 -1.62 -8.77 12.02
CA MET A 228 -0.34 -8.08 11.87
C MET A 228 -0.51 -6.57 11.75
N THR A 229 -1.72 -6.15 11.40
CA THR A 229 -2.01 -4.74 11.20
C THR A 229 -2.67 -4.12 12.42
N LYS A 230 -3.07 -4.97 13.37
CA LYS A 230 -3.67 -4.49 14.63
C LYS A 230 -2.64 -3.74 15.47
N SER A 231 -3.13 -2.93 16.38
CA SER A 231 -2.26 -2.32 17.37
C SER A 231 -1.79 -3.41 18.32
N GLY A 232 -0.50 -3.38 18.67
CA GLY A 232 0.05 -4.29 19.65
C GLY A 232 0.32 -5.71 19.17
N TYR A 233 0.57 -5.88 17.87
CA TYR A 233 0.94 -7.20 17.34
C TYR A 233 2.18 -7.73 18.04
N GLN A 234 2.12 -8.97 18.51
CA GLN A 234 3.25 -9.58 19.18
C GLN A 234 4.15 -10.28 18.16
N PRO A 235 5.41 -9.84 18.06
CA PRO A 235 6.38 -10.55 17.21
C PRO A 235 6.45 -12.00 17.63
N PRO A 236 6.60 -12.91 16.65
CA PRO A 236 6.66 -14.35 16.94
C PRO A 236 7.94 -14.72 17.71
N ARG A 237 7.91 -15.90 18.34
CA ARG A 237 9.05 -16.42 19.09
C ARG A 237 9.25 -17.89 18.78
N LEU A 238 10.38 -18.44 19.20
CA LEU A 238 10.59 -19.88 19.08
C LEU A 238 9.72 -20.59 20.11
N LYS A 239 9.09 -21.68 19.69
CA LYS A 239 8.15 -22.41 20.54
C LYS A 239 8.85 -22.94 21.79
N GLU A 240 9.79 -23.87 21.60
CA GLU A 240 10.50 -24.47 22.73
C GLU A 240 11.74 -23.68 23.09
N LYS A 241 11.73 -23.06 24.26
CA LYS A 241 12.81 -22.16 24.67
C LYS A 241 14.11 -22.90 25.02
N GLY A 242 13.99 -24.17 25.39
CA GLY A 242 15.13 -24.94 25.87
C GLY A 242 16.03 -25.51 24.80
N LYS A 243 15.50 -25.69 23.59
CA LYS A 243 16.24 -26.32 22.52
C LYS A 243 17.33 -25.40 21.94
N TRP A 244 17.19 -24.10 22.19
CA TRP A 244 18.00 -23.11 21.48
C TRP A 244 18.82 -22.24 22.41
N SER A 245 19.96 -21.77 21.92
CA SER A 245 20.82 -20.88 22.69
C SER A 245 20.22 -19.48 22.84
N ALA A 246 20.72 -18.74 23.82
CA ALA A 246 20.29 -17.37 24.04
C ALA A 246 20.65 -16.49 22.84
N ALA A 247 21.70 -16.84 22.13
CA ALA A 247 22.10 -16.08 20.95
C ALA A 247 21.03 -16.20 19.87
N PHE A 248 20.43 -17.37 19.75
CA PHE A 248 19.43 -17.63 18.72
C PHE A 248 18.14 -16.90 19.08
N HIS A 249 17.73 -16.99 20.35
CA HIS A 249 16.56 -16.25 20.82
C HIS A 249 16.75 -14.76 20.59
N ASN A 250 17.94 -14.26 20.86
CA ASN A 250 18.22 -12.85 20.62
C ASN A 250 18.20 -12.49 19.14
N PHE A 251 18.72 -13.39 18.29
CA PHE A 251 18.70 -13.18 16.84
C PHE A 251 17.26 -12.99 16.36
N ILE A 252 16.38 -13.91 16.76
CA ILE A 252 14.99 -13.86 16.40
C ILE A 252 14.37 -12.56 16.89
N LYS A 253 14.70 -12.20 18.13
CA LYS A 253 14.14 -11.02 18.76
C LYS A 253 14.45 -9.73 17.99
N VAL A 254 15.69 -9.54 17.57
CA VAL A 254 16.04 -8.27 16.92
C VAL A 254 15.67 -8.25 15.44
N THR A 255 15.75 -9.39 14.75
CA THR A 255 15.32 -9.43 13.35
C THR A 255 13.81 -9.19 13.29
N LEU A 256 13.10 -9.70 14.29
CA LEU A 256 11.65 -9.50 14.36
C LEU A 256 11.32 -8.28 15.19
N THR A 257 12.10 -7.22 15.01
CA THR A 257 11.74 -5.93 15.59
C THR A 257 10.57 -5.33 14.83
N LYS A 258 9.51 -5.03 15.55
CA LYS A 258 8.26 -4.54 14.98
C LYS A 258 8.45 -3.25 14.20
N SER A 259 9.08 -2.27 14.83
CA SER A 259 9.30 -0.96 14.21
C SER A 259 10.38 -0.99 13.13
N PRO A 260 10.01 -0.68 11.89
CA PRO A 260 10.97 -0.68 10.78
C PRO A 260 12.12 0.29 11.00
N LYS A 261 11.94 1.28 11.88
CA LYS A 261 12.98 2.27 12.10
C LYS A 261 14.03 1.75 13.08
N LYS A 262 13.67 0.73 13.84
CA LYS A 262 14.60 0.17 14.83
C LYS A 262 15.06 -1.25 14.47
N ARG A 263 14.59 -1.76 13.34
CA ARG A 263 15.03 -3.08 12.88
C ARG A 263 16.42 -2.95 12.25
N PRO A 264 17.37 -3.77 12.70
CA PRO A 264 18.77 -3.70 12.24
C PRO A 264 18.98 -4.11 10.78
N SER A 265 19.90 -3.44 10.10
CA SER A 265 20.23 -3.72 8.70
C SER A 265 20.92 -5.07 8.52
N ALA A 266 21.02 -5.52 7.27
CA ALA A 266 21.69 -6.78 6.98
C ALA A 266 23.13 -6.72 7.45
N THR A 267 23.79 -5.62 7.12
CA THR A 267 25.18 -5.41 7.51
C THR A 267 25.36 -5.45 9.03
N LYS A 268 24.46 -4.81 9.77
CA LYS A 268 24.57 -4.85 11.23
C LYS A 268 24.32 -6.26 11.74
N MET A 269 23.35 -6.94 11.14
CA MET A 269 23.05 -8.32 11.53
C MET A 269 24.23 -9.25 11.30
N LEU A 270 25.08 -8.92 10.34
CA LEU A 270 26.24 -9.76 10.05
C LEU A 270 27.26 -9.74 11.20
N SER A 271 27.11 -8.79 12.11
CA SER A 271 27.97 -8.67 13.29
C SER A 271 27.36 -9.35 14.52
N HIS A 272 26.14 -9.85 14.39
CA HIS A 272 25.48 -10.50 15.52
C HIS A 272 26.21 -11.78 15.88
N GLN A 273 26.19 -12.12 17.16
CA GLN A 273 26.99 -13.22 17.66
C GLN A 273 26.63 -14.54 17.02
N LEU A 274 25.36 -14.72 16.66
CA LEU A 274 24.89 -16.00 16.14
C LEU A 274 25.51 -16.34 14.77
N VAL A 275 25.72 -15.32 13.94
CA VAL A 275 26.23 -15.54 12.59
C VAL A 275 27.71 -15.20 12.45
N SER A 276 28.36 -14.88 13.56
CA SER A 276 29.80 -14.67 13.55
C SER A 276 30.48 -15.70 14.43
N GLN A 277 29.76 -16.77 14.73
CA GLN A 277 30.32 -17.92 15.43
C GLN A 277 31.50 -18.52 14.68
N PRO A 278 32.65 -18.64 15.35
CA PRO A 278 33.68 -19.50 14.77
C PRO A 278 33.19 -20.94 14.83
N GLY A 279 33.16 -21.62 13.69
CA GLY A 279 32.58 -22.95 13.65
C GLY A 279 31.51 -23.06 12.59
N LEU A 280 31.05 -21.92 12.09
CA LEU A 280 30.15 -21.89 10.95
C LEU A 280 30.95 -22.21 9.70
N ASN A 281 30.58 -23.28 9.01
CA ASN A 281 31.27 -23.64 7.77
C ASN A 281 30.40 -24.50 6.87
N ARG A 282 30.76 -24.59 5.59
CA ARG A 282 29.95 -25.28 4.59
C ARG A 282 29.73 -26.75 4.93
N GLY A 283 30.60 -27.30 5.77
CA GLY A 283 30.45 -28.68 6.20
C GLY A 283 29.13 -28.94 6.88
N LEU A 284 28.63 -27.93 7.58
CA LEU A 284 27.29 -27.98 8.17
C LEU A 284 26.25 -28.31 7.11
N ILE A 285 26.37 -27.69 5.94
CA ILE A 285 25.41 -27.92 4.87
C ILE A 285 25.68 -29.25 4.19
N LEU A 286 26.94 -29.65 4.11
CA LEU A 286 27.27 -30.95 3.52
C LEU A 286 26.68 -32.07 4.37
N ASP A 287 26.68 -31.90 5.68
CA ASP A 287 26.02 -32.84 6.58
C ASP A 287 24.52 -32.94 6.28
N LEU A 288 23.87 -31.80 6.12
CA LEU A 288 22.45 -31.78 5.80
C LEU A 288 22.19 -32.54 4.50
N LEU A 289 23.04 -32.30 3.50
CA LEU A 289 22.91 -32.97 2.21
C LEU A 289 23.10 -34.49 2.32
N ASP A 290 24.00 -34.91 3.20
CA ASP A 290 24.19 -36.34 3.47
C ASP A 290 22.93 -36.93 4.09
N LYS A 291 22.34 -36.21 5.04
CA LYS A 291 21.14 -36.67 5.72
C LYS A 291 19.99 -36.73 4.73
N LEU A 292 19.96 -35.78 3.81
CA LEU A 292 18.97 -35.76 2.75
C LEU A 292 19.12 -36.96 1.84
N LYS A 293 20.37 -37.30 1.53
CA LYS A 293 20.69 -38.40 0.65
C LYS A 293 20.21 -39.73 1.22
N ASN A 294 20.78 -40.13 2.35
CA ASN A 294 20.44 -41.40 2.97
C ASN A 294 19.81 -41.24 4.35
N GLY A 295 20.65 -41.34 5.39
CA GLY A 295 20.19 -41.25 6.76
C GLY A 295 20.65 -39.98 7.45
N VAL B 5 -18.98 -1.54 -14.84
CA VAL B 5 -19.19 -0.40 -13.95
C VAL B 5 -20.40 -0.66 -13.05
N ASP B 6 -21.39 0.23 -13.12
CA ASP B 6 -22.65 0.04 -12.43
C ASP B 6 -23.55 -0.81 -13.32
N PRO B 7 -24.30 -1.75 -12.71
CA PRO B 7 -25.17 -2.58 -13.56
C PRO B 7 -26.47 -1.86 -13.91
N ASP B 8 -26.70 -0.71 -13.29
CA ASP B 8 -27.92 0.05 -13.51
C ASP B 8 -27.61 1.42 -14.12
N ILE B 9 -26.43 1.55 -14.70
CA ILE B 9 -26.03 2.79 -15.36
C ILE B 9 -26.84 2.98 -16.64
N PHE B 10 -27.18 4.22 -16.93
CA PHE B 10 -27.98 4.52 -18.10
C PHE B 10 -27.06 4.81 -19.30
N ASN B 11 -27.04 3.91 -20.27
CA ASN B 11 -26.29 4.16 -21.48
C ASN B 11 -27.11 5.04 -22.42
N ARG B 12 -27.18 6.33 -22.09
CA ARG B 12 -27.97 7.30 -22.83
C ARG B 12 -27.54 8.72 -22.47
N ASP B 13 -27.87 9.66 -23.35
CA ASP B 13 -27.56 11.08 -23.12
C ASP B 13 -28.36 11.62 -21.92
N PRO B 14 -27.65 12.19 -20.94
CA PRO B 14 -28.29 12.79 -19.75
C PRO B 14 -29.25 13.93 -20.13
N ARG B 15 -29.00 14.53 -21.28
CA ARG B 15 -29.80 15.65 -21.75
C ARG B 15 -31.21 15.20 -22.17
N ASP B 16 -31.43 13.88 -22.21
CA ASP B 16 -32.78 13.34 -22.36
C ASP B 16 -33.61 13.50 -21.09
N HIS B 17 -32.92 13.63 -19.96
CA HIS B 17 -33.57 13.66 -18.64
C HIS B 17 -33.43 15.01 -17.97
N TYR B 18 -32.37 15.73 -18.32
CA TYR B 18 -32.02 16.99 -17.65
C TYR B 18 -31.66 18.10 -18.62
N ASP B 19 -32.05 19.33 -18.27
CA ASP B 19 -31.53 20.51 -18.95
C ASP B 19 -30.31 21.00 -18.17
N LEU B 20 -29.21 21.21 -18.88
CA LEU B 20 -27.99 21.70 -18.27
C LEU B 20 -28.06 23.21 -18.09
N LEU B 21 -27.61 23.69 -16.93
CA LEU B 21 -27.63 25.11 -16.65
C LEU B 21 -26.21 25.68 -16.53
N GLN B 22 -25.76 25.91 -15.31
CA GLN B 22 -24.46 26.52 -15.12
C GLN B 22 -23.36 25.51 -14.84
N ARG B 23 -22.13 25.91 -15.08
CA ARG B 23 -20.97 25.14 -14.66
C ARG B 23 -20.67 25.47 -13.20
N LEU B 24 -20.41 24.45 -12.39
CA LEU B 24 -20.21 24.66 -10.95
C LEU B 24 -18.78 24.38 -10.50
N GLY B 25 -17.95 23.88 -11.39
CA GLY B 25 -16.57 23.58 -11.06
C GLY B 25 -15.98 22.44 -11.86
N GLY B 26 -14.94 21.82 -11.33
CA GLY B 26 -14.25 20.74 -12.00
C GLY B 26 -12.75 20.97 -11.97
N GLY B 27 -12.02 19.96 -11.48
CA GLY B 27 -10.57 20.06 -11.35
C GLY B 27 -9.86 20.21 -12.68
N THR B 28 -9.41 19.09 -13.23
CA THR B 28 -8.76 19.09 -14.54
C THR B 28 -9.31 17.98 -15.43
N TYR B 29 -9.96 17.00 -14.81
CA TYR B 29 -10.46 15.83 -15.52
C TYR B 29 -11.98 15.79 -15.61
N GLY B 30 -12.61 16.93 -15.88
CA GLY B 30 -14.06 16.98 -16.05
C GLY B 30 -14.73 18.22 -15.51
N GLU B 31 -16.07 18.21 -15.52
CA GLU B 31 -16.86 19.36 -15.10
C GLU B 31 -18.07 18.95 -14.27
N VAL B 32 -18.64 19.93 -13.56
CA VAL B 32 -19.85 19.74 -12.77
C VAL B 32 -20.89 20.77 -13.19
N PHE B 33 -22.12 20.31 -13.45
CA PHE B 33 -23.19 21.18 -13.91
C PHE B 33 -24.42 21.15 -13.01
N LYS B 34 -25.05 22.31 -12.84
CA LYS B 34 -26.39 22.38 -12.26
C LYS B 34 -27.38 21.98 -13.34
N ALA B 35 -28.30 21.09 -13.01
CA ALA B 35 -29.24 20.59 -14.00
C ALA B 35 -30.65 20.55 -13.45
N ARG B 36 -31.63 20.56 -14.36
CA ARG B 36 -33.03 20.55 -13.98
C ARG B 36 -33.72 19.32 -14.57
N ASP B 37 -34.42 18.57 -13.73
CA ASP B 37 -35.16 17.40 -14.19
C ASP B 37 -36.33 17.86 -15.04
N LYS B 38 -36.36 17.42 -16.29
CA LYS B 38 -37.33 17.92 -17.24
C LYS B 38 -38.74 17.44 -16.90
N VAL B 39 -38.84 16.35 -16.13
CA VAL B 39 -40.14 15.85 -15.72
C VAL B 39 -40.63 16.45 -14.39
N SER B 40 -39.80 16.39 -13.35
CA SER B 40 -40.21 16.80 -12.01
C SER B 40 -39.90 18.27 -11.71
N GLY B 41 -38.90 18.81 -12.40
CA GLY B 41 -38.46 20.17 -12.16
C GLY B 41 -37.39 20.26 -11.08
N ASP B 42 -37.13 19.15 -10.40
CA ASP B 42 -36.15 19.14 -9.33
C ASP B 42 -34.75 19.41 -9.87
N LEU B 43 -33.93 20.07 -9.05
CA LEU B 43 -32.59 20.45 -9.45
C LEU B 43 -31.56 19.45 -8.94
N VAL B 44 -30.58 19.13 -9.79
CA VAL B 44 -29.53 18.20 -9.42
C VAL B 44 -28.17 18.77 -9.75
N ALA B 45 -27.13 18.00 -9.48
CA ALA B 45 -25.80 18.31 -9.97
C ALA B 45 -25.32 17.18 -10.87
N LEU B 46 -24.81 17.53 -12.04
CA LEU B 46 -24.30 16.53 -12.96
C LEU B 46 -22.78 16.63 -13.05
N LYS B 47 -22.10 15.60 -12.58
CA LYS B 47 -20.64 15.54 -12.64
C LYS B 47 -20.21 14.71 -13.83
N MET B 48 -19.53 15.36 -14.77
CA MET B 48 -19.09 14.68 -15.98
C MET B 48 -17.62 14.26 -15.85
N VAL B 49 -17.32 13.04 -16.30
CA VAL B 49 -15.96 12.50 -16.22
C VAL B 49 -15.56 11.89 -17.56
N LYS B 50 -14.39 12.28 -18.05
CA LYS B 50 -13.86 11.78 -19.33
C LYS B 50 -13.26 10.39 -19.19
N MET B 51 -13.70 9.46 -20.04
CA MET B 51 -13.16 8.10 -20.03
C MET B 51 -12.19 7.86 -21.18
N GLU B 52 -10.89 8.02 -20.89
CA GLU B 52 -9.84 7.80 -21.87
C GLU B 52 -9.41 6.33 -21.84
N PRO B 53 -8.94 5.77 -22.98
CA PRO B 53 -8.93 4.32 -23.14
C PRO B 53 -7.85 3.60 -22.33
N ASP B 54 -6.85 4.34 -21.86
CA ASP B 54 -5.80 3.75 -21.03
C ASP B 54 -6.13 3.92 -19.55
N ASP B 55 -7.31 4.47 -19.27
CA ASP B 55 -7.82 4.55 -17.91
C ASP B 55 -8.70 3.33 -17.62
N ASP B 56 -8.16 2.39 -16.87
CA ASP B 56 -8.89 1.18 -16.51
C ASP B 56 -10.13 1.54 -15.69
N VAL B 57 -11.28 1.07 -16.15
CA VAL B 57 -12.58 1.54 -15.67
C VAL B 57 -12.85 1.23 -14.19
N SER B 58 -12.03 0.36 -13.60
CA SER B 58 -12.21 -0.09 -12.22
C SER B 58 -12.31 1.07 -11.21
N THR B 59 -11.56 2.13 -11.46
CA THR B 59 -11.64 3.32 -10.62
C THR B 59 -13.05 3.92 -10.66
N LEU B 60 -13.57 4.14 -11.86
CA LEU B 60 -14.86 4.80 -12.05
C LEU B 60 -16.02 3.95 -11.55
N GLN B 61 -15.86 2.63 -11.61
CA GLN B 61 -16.83 1.73 -11.00
C GLN B 61 -16.88 2.00 -9.50
N LYS B 62 -15.71 2.04 -8.89
CA LYS B 62 -15.56 2.19 -7.46
C LYS B 62 -16.19 3.47 -6.93
N GLU B 63 -15.98 4.58 -7.63
CA GLU B 63 -16.52 5.87 -7.18
C GLU B 63 -18.03 5.84 -7.08
N ILE B 64 -18.68 5.52 -8.20
CA ILE B 64 -20.13 5.43 -8.24
C ILE B 64 -20.66 4.49 -7.17
N LEU B 65 -20.01 3.34 -7.02
CA LEU B 65 -20.46 2.32 -6.09
C LEU B 65 -20.31 2.78 -4.64
N ILE B 66 -19.27 3.55 -4.36
CA ILE B 66 -19.07 4.10 -3.02
C ILE B 66 -20.18 5.09 -2.71
N LEU B 67 -20.49 5.92 -3.71
CA LEU B 67 -21.53 6.92 -3.60
C LEU B 67 -22.92 6.25 -3.54
N LYS B 68 -23.05 5.11 -4.21
CA LYS B 68 -24.34 4.45 -4.37
C LYS B 68 -24.78 3.73 -3.09
N THR B 69 -23.80 3.26 -2.32
CA THR B 69 -24.09 2.47 -1.14
C THR B 69 -23.90 3.28 0.15
N CYS B 70 -23.87 4.61 0.01
CA CYS B 70 -23.88 5.49 1.17
C CYS B 70 -25.28 6.06 1.39
N ARG B 71 -25.86 5.77 2.56
CA ARG B 71 -27.09 6.44 2.96
C ARG B 71 -26.87 7.12 4.29
N HIS B 72 -26.45 8.38 4.22
CA HIS B 72 -26.25 9.20 5.40
C HIS B 72 -26.38 10.66 5.01
N ALA B 73 -26.97 11.46 5.89
CA ALA B 73 -27.31 12.82 5.56
C ALA B 73 -26.10 13.65 5.20
N ASN B 74 -24.96 13.36 5.84
CA ASN B 74 -23.77 14.17 5.64
C ASN B 74 -22.90 13.71 4.48
N ILE B 75 -23.43 12.80 3.66
CA ILE B 75 -22.78 12.38 2.42
C ILE B 75 -23.66 12.79 1.24
N VAL B 76 -23.08 13.48 0.26
CA VAL B 76 -23.82 13.92 -0.91
C VAL B 76 -24.61 12.75 -1.50
N ALA B 77 -25.89 12.99 -1.81
CA ALA B 77 -26.80 11.92 -2.20
C ALA B 77 -26.64 11.55 -3.68
N TYR B 78 -26.73 10.25 -3.94
CA TYR B 78 -26.57 9.71 -5.28
C TYR B 78 -27.92 9.39 -5.93
N HIS B 79 -28.10 9.80 -7.18
CA HIS B 79 -29.35 9.56 -7.88
C HIS B 79 -29.19 8.53 -9.01
N GLY B 80 -28.13 8.67 -9.80
CA GLY B 80 -27.87 7.74 -10.88
C GLY B 80 -26.67 8.14 -11.72
N SER B 81 -26.39 7.35 -12.76
CA SER B 81 -25.22 7.58 -13.61
C SER B 81 -25.54 7.42 -15.09
N TYR B 82 -24.84 8.17 -15.93
CA TYR B 82 -25.00 8.04 -17.38
C TYR B 82 -23.67 7.81 -18.07
N LEU B 83 -23.66 6.86 -19.00
CA LEU B 83 -22.52 6.66 -19.88
C LEU B 83 -22.94 7.05 -21.30
N TRP B 84 -22.36 8.12 -21.81
CA TRP B 84 -22.73 8.61 -23.13
C TRP B 84 -21.52 9.19 -23.86
N LEU B 85 -21.24 8.64 -25.03
CA LEU B 85 -20.14 9.09 -25.86
C LEU B 85 -18.84 9.11 -25.06
N GLN B 86 -18.61 8.03 -24.33
CA GLN B 86 -17.41 7.82 -23.52
C GLN B 86 -17.26 8.85 -22.41
N LYS B 87 -18.38 9.44 -22.00
CA LYS B 87 -18.39 10.35 -20.86
C LYS B 87 -19.23 9.76 -19.76
N LEU B 88 -18.67 9.73 -18.55
CA LEU B 88 -19.41 9.27 -17.39
C LEU B 88 -20.08 10.46 -16.70
N TRP B 89 -21.41 10.42 -16.58
CA TRP B 89 -22.14 11.45 -15.86
C TRP B 89 -22.68 10.92 -14.53
N ILE B 90 -22.32 11.58 -13.45
CA ILE B 90 -22.81 11.17 -12.14
C ILE B 90 -23.86 12.18 -11.66
N CYS B 91 -25.09 11.71 -11.49
CA CYS B 91 -26.16 12.59 -11.06
C CYS B 91 -26.28 12.54 -9.54
N MET B 92 -26.14 13.70 -8.91
CA MET B 92 -26.17 13.74 -7.46
C MET B 92 -26.96 14.93 -6.92
N GLU B 93 -27.08 14.96 -5.60
CA GLU B 93 -27.71 16.06 -4.88
C GLU B 93 -27.07 17.41 -5.21
N PHE B 94 -27.91 18.39 -5.50
CA PHE B 94 -27.44 19.74 -5.77
C PHE B 94 -27.22 20.53 -4.49
N CYS B 95 -26.00 21.02 -4.29
CA CYS B 95 -25.69 21.85 -3.14
C CYS B 95 -25.39 23.27 -3.59
N GLY B 96 -26.43 24.11 -3.55
CA GLY B 96 -26.42 25.42 -4.17
C GLY B 96 -25.36 26.42 -3.74
N ALA B 97 -24.76 26.23 -2.57
CA ALA B 97 -23.72 27.13 -2.10
C ALA B 97 -22.33 26.69 -2.56
N GLY B 98 -22.25 25.51 -3.17
CA GLY B 98 -20.98 24.98 -3.61
C GLY B 98 -20.15 24.48 -2.45
N SER B 99 -18.82 24.55 -2.60
CA SER B 99 -17.91 24.03 -1.59
C SER B 99 -17.54 25.09 -0.58
N LEU B 100 -17.04 24.67 0.59
CA LEU B 100 -16.59 25.61 1.60
C LEU B 100 -15.45 26.47 1.07
N GLN B 101 -14.61 25.88 0.22
CA GLN B 101 -13.54 26.66 -0.43
C GLN B 101 -14.13 27.75 -1.31
N ASP B 102 -15.10 27.39 -2.15
CA ASP B 102 -15.81 28.35 -2.98
C ASP B 102 -16.32 29.53 -2.16
N ILE B 103 -16.84 29.23 -0.97
CA ILE B 103 -17.46 30.24 -0.12
C ILE B 103 -16.43 31.10 0.59
N TYR B 104 -15.44 30.49 1.26
CA TYR B 104 -14.54 31.28 2.08
C TYR B 104 -13.61 32.15 1.24
N GLN B 105 -13.43 31.78 -0.03
CA GLN B 105 -12.64 32.60 -0.95
C GLN B 105 -13.36 33.91 -1.25
N VAL B 106 -14.59 34.05 -0.76
CA VAL B 106 -15.33 35.29 -0.86
C VAL B 106 -15.64 35.88 0.52
N THR B 107 -16.13 35.05 1.43
CA THR B 107 -16.54 35.52 2.75
C THR B 107 -15.36 35.80 3.68
N GLY B 108 -14.25 35.10 3.46
CA GLY B 108 -13.12 35.19 4.36
C GLY B 108 -13.24 34.10 5.41
N SER B 109 -12.30 34.09 6.35
CA SER B 109 -12.20 33.01 7.34
C SER B 109 -13.49 32.79 8.13
N LEU B 110 -13.71 31.55 8.56
CA LEU B 110 -14.93 31.20 9.27
C LEU B 110 -14.78 31.42 10.76
N SER B 111 -15.90 31.69 11.42
CA SER B 111 -15.94 31.82 12.87
C SER B 111 -15.66 30.48 13.51
N GLU B 112 -15.25 30.48 14.78
CA GLU B 112 -14.96 29.24 15.48
C GLU B 112 -16.20 28.35 15.60
N LEU B 113 -17.35 28.94 15.89
CA LEU B 113 -18.61 28.20 15.96
C LEU B 113 -19.01 27.61 14.61
N GLN B 114 -18.77 28.35 13.54
CA GLN B 114 -19.05 27.87 12.20
C GLN B 114 -18.16 26.68 11.84
N ILE B 115 -16.89 26.75 12.22
CA ILE B 115 -15.96 25.65 11.98
C ILE B 115 -16.35 24.43 12.82
N SER B 116 -16.79 24.69 14.05
CA SER B 116 -17.19 23.62 14.96
C SER B 116 -18.37 22.83 14.40
N TYR B 117 -19.37 23.55 13.89
CA TYR B 117 -20.52 22.92 13.27
C TYR B 117 -20.11 22.09 12.04
N VAL B 118 -19.22 22.63 11.21
CA VAL B 118 -18.75 21.90 10.03
C VAL B 118 -18.01 20.64 10.45
N CYS B 119 -17.12 20.77 11.43
CA CYS B 119 -16.40 19.61 11.94
C CYS B 119 -17.33 18.53 12.48
N ARG B 120 -18.36 18.94 13.21
CA ARG B 120 -19.31 17.98 13.76
C ARG B 120 -20.00 17.21 12.63
N GLU B 121 -20.47 17.94 11.62
CA GLU B 121 -21.16 17.32 10.50
C GLU B 121 -20.25 16.40 9.68
N VAL B 122 -19.01 16.83 9.48
CA VAL B 122 -18.04 15.98 8.77
C VAL B 122 -17.72 14.74 9.59
N LEU B 123 -17.53 14.92 10.90
CA LEU B 123 -17.22 13.80 11.79
C LEU B 123 -18.38 12.80 11.83
N GLN B 124 -19.60 13.30 11.64
CA GLN B 124 -20.75 12.42 11.52
C GLN B 124 -20.69 11.64 10.21
N GLY B 125 -20.27 12.31 9.15
CA GLY B 125 -20.09 11.67 7.86
C GLY B 125 -18.93 10.67 7.89
N LEU B 126 -17.83 11.06 8.52
CA LEU B 126 -16.65 10.22 8.63
C LEU B 126 -16.87 9.00 9.53
N ALA B 127 -17.63 9.19 10.60
CA ALA B 127 -17.96 8.09 11.50
C ALA B 127 -18.73 7.00 10.75
N TYR B 128 -19.71 7.43 9.96
CA TYR B 128 -20.48 6.51 9.14
C TYR B 128 -19.59 5.77 8.15
N LEU B 129 -18.74 6.50 7.42
CA LEU B 129 -17.89 5.91 6.39
C LEU B 129 -16.98 4.83 6.93
N HIS B 130 -16.32 5.13 8.04
CA HIS B 130 -15.41 4.20 8.68
C HIS B 130 -16.13 3.00 9.27
N SER B 131 -17.43 3.16 9.51
CA SER B 131 -18.29 2.06 9.94
C SER B 131 -18.78 1.27 8.73
N GLN B 132 -18.35 1.69 7.54
CA GLN B 132 -18.60 0.95 6.32
C GLN B 132 -17.27 0.46 5.77
N LYS B 133 -16.24 0.58 6.60
CA LYS B 133 -14.86 0.26 6.24
C LYS B 133 -14.43 1.01 4.98
N LYS B 134 -14.89 2.26 4.88
CA LYS B 134 -14.53 3.13 3.76
C LYS B 134 -13.67 4.30 4.24
N ILE B 135 -12.81 4.78 3.37
CA ILE B 135 -11.95 5.92 3.67
C ILE B 135 -12.12 6.96 2.58
N HIS B 136 -12.31 8.23 2.97
CA HIS B 136 -12.50 9.28 2.00
C HIS B 136 -11.16 9.66 1.38
N ARG B 137 -10.16 9.82 2.23
CA ARG B 137 -8.77 10.08 1.85
C ARG B 137 -8.55 11.41 1.14
N ASP B 138 -9.60 12.23 1.07
CA ASP B 138 -9.48 13.51 0.40
C ASP B 138 -10.34 14.60 1.07
N ILE B 139 -10.40 14.57 2.39
CA ILE B 139 -11.12 15.59 3.14
C ILE B 139 -10.37 16.92 3.05
N LYS B 140 -11.09 17.95 2.60
CA LYS B 140 -10.55 19.30 2.42
C LYS B 140 -11.74 20.20 2.12
N GLY B 141 -11.55 21.51 2.23
CA GLY B 141 -12.65 22.46 2.07
C GLY B 141 -13.34 22.41 0.73
N ALA B 142 -12.58 22.15 -0.33
CA ALA B 142 -13.14 22.06 -1.67
C ALA B 142 -14.06 20.86 -1.82
N ASN B 143 -13.92 19.89 -0.92
CA ASN B 143 -14.72 18.66 -0.99
C ASN B 143 -15.83 18.58 0.04
N ILE B 144 -16.09 19.70 0.70
CA ILE B 144 -17.21 19.78 1.62
C ILE B 144 -18.26 20.74 1.05
N LEU B 145 -19.38 20.19 0.62
CA LEU B 145 -20.39 20.99 -0.06
C LEU B 145 -21.45 21.52 0.89
N ILE B 146 -21.97 22.68 0.56
CA ILE B 146 -23.00 23.34 1.35
C ILE B 146 -24.24 23.56 0.50
N ASN B 147 -25.40 23.13 0.97
CA ASN B 147 -26.63 23.42 0.25
C ASN B 147 -27.27 24.71 0.74
N ASP B 148 -28.36 25.11 0.09
CA ASP B 148 -29.00 26.39 0.39
C ASP B 148 -29.58 26.45 1.82
N ALA B 149 -29.78 25.29 2.44
CA ALA B 149 -30.31 25.22 3.79
C ALA B 149 -29.22 25.28 4.86
N GLY B 150 -27.97 25.36 4.42
CA GLY B 150 -26.86 25.46 5.35
C GLY B 150 -26.32 24.12 5.82
N GLU B 151 -26.78 23.04 5.20
CA GLU B 151 -26.38 21.70 5.60
C GLU B 151 -25.10 21.25 4.88
N VAL B 152 -24.37 20.35 5.54
CA VAL B 152 -23.02 19.96 5.12
C VAL B 152 -23.00 18.57 4.47
N ARG B 153 -22.33 18.45 3.33
CA ARG B 153 -22.24 17.18 2.60
C ARG B 153 -20.81 16.90 2.16
N LEU B 154 -20.28 15.76 2.57
CA LEU B 154 -19.01 15.28 2.01
C LEU B 154 -19.22 14.85 0.56
N ALA B 155 -18.27 15.20 -0.31
CA ALA B 155 -18.35 14.78 -1.71
C ALA B 155 -16.99 14.44 -2.33
N ASP B 156 -17.01 14.15 -3.62
CA ASP B 156 -15.80 13.84 -4.40
C ASP B 156 -15.05 12.64 -3.84
N PHE B 157 -15.56 11.45 -4.12
CA PHE B 157 -14.90 10.22 -3.72
C PHE B 157 -14.00 9.70 -4.85
N GLY B 158 -13.42 10.62 -5.62
CA GLY B 158 -12.56 10.26 -6.73
C GLY B 158 -11.28 9.57 -6.29
N ILE B 159 -10.58 10.20 -5.34
CA ILE B 159 -9.35 9.65 -4.77
C ILE B 159 -9.62 8.34 -4.05
N SER B 160 -10.70 8.32 -3.28
CA SER B 160 -11.10 7.10 -2.56
C SER B 160 -11.25 5.95 -3.56
N ALA B 161 -11.94 6.24 -4.66
CA ALA B 161 -12.15 5.27 -5.73
C ALA B 161 -10.83 4.73 -6.29
N GLN B 162 -9.91 5.62 -6.62
CA GLN B 162 -8.59 5.25 -7.13
C GLN B 162 -7.88 4.28 -6.20
N ILE B 163 -7.63 4.75 -4.99
CA ILE B 163 -6.92 3.94 -3.99
C ILE B 163 -7.65 2.62 -3.76
N GLY B 164 -8.98 2.70 -3.68
CA GLY B 164 -9.80 1.51 -3.52
C GLY B 164 -9.62 0.49 -4.64
N ALA B 165 -9.67 0.96 -5.89
CA ALA B 165 -9.52 0.08 -7.05
C ALA B 165 -8.14 -0.58 -7.06
N GLU B 166 -7.11 0.20 -6.73
CA GLU B 166 -5.74 -0.32 -6.66
C GLU B 166 -5.62 -1.46 -5.67
N LEU B 167 -6.21 -1.28 -4.50
CA LEU B 167 -6.09 -2.24 -3.41
C LEU B 167 -6.79 -3.57 -3.69
N ALA B 168 -8.04 -3.49 -4.15
CA ALA B 168 -8.79 -4.69 -4.51
C ALA B 168 -8.06 -5.46 -5.61
N ARG B 169 -7.41 -4.71 -6.50
CA ARG B 169 -6.68 -5.28 -7.63
C ARG B 169 -5.40 -5.98 -7.18
N ARG B 170 -4.70 -5.39 -6.21
CA ARG B 170 -3.44 -5.94 -5.71
C ARG B 170 -3.67 -7.08 -4.72
N LEU B 171 -4.81 -7.06 -4.04
CA LEU B 171 -5.14 -8.06 -3.02
C LEU B 171 -5.08 -9.48 -3.57
N GLU B 172 -5.72 -9.67 -4.72
CA GLU B 172 -5.79 -10.97 -5.38
C GLU B 172 -4.43 -11.64 -5.54
N PHE B 173 -3.42 -10.86 -5.86
CA PHE B 173 -2.11 -11.41 -6.19
C PHE B 173 -1.10 -11.33 -5.05
N ILE B 174 -1.52 -10.85 -3.89
CA ILE B 174 -0.64 -10.90 -2.75
C ILE B 174 -0.75 -12.32 -2.20
N GLY B 175 0.39 -12.98 -2.04
CA GLY B 175 0.40 -14.39 -1.72
C GLY B 175 0.21 -14.65 -0.26
N THR B 176 0.89 -15.69 0.23
CA THR B 176 0.84 -16.03 1.64
C THR B 176 1.51 -14.94 2.48
N PRO B 177 0.99 -14.69 3.69
CA PRO B 177 1.46 -13.53 4.46
C PRO B 177 2.38 -13.86 5.64
N TYR B 178 2.64 -15.14 5.91
CA TYR B 178 3.27 -15.52 7.17
C TYR B 178 4.71 -15.03 7.30
N TRP B 179 5.36 -14.75 6.17
CA TRP B 179 6.74 -14.27 6.19
C TRP B 179 6.83 -12.76 6.07
N MET B 180 5.68 -12.09 5.94
CA MET B 180 5.63 -10.64 5.77
C MET B 180 5.92 -9.87 7.03
N ALA B 181 6.73 -8.82 6.92
CA ALA B 181 6.86 -7.85 7.99
C ALA B 181 5.53 -7.13 8.17
N PRO B 182 5.23 -6.65 9.39
CA PRO B 182 3.95 -5.94 9.59
C PRO B 182 3.76 -4.78 8.63
N GLU B 183 4.82 -4.05 8.34
CA GLU B 183 4.71 -2.92 7.42
C GLU B 183 4.37 -3.38 6.00
N VAL B 184 4.88 -4.55 5.61
CA VAL B 184 4.51 -5.13 4.32
C VAL B 184 3.05 -5.57 4.34
N ALA B 185 2.64 -6.22 5.43
CA ALA B 185 1.25 -6.64 5.60
C ALA B 185 0.29 -5.46 5.55
N ALA B 186 0.66 -4.37 6.22
CA ALA B 186 -0.16 -3.17 6.25
C ALA B 186 -0.38 -2.66 4.82
N VAL B 187 0.68 -2.63 4.02
CA VAL B 187 0.58 -2.23 2.60
C VAL B 187 -0.35 -3.15 1.81
N ALA B 188 -0.30 -4.44 2.12
CA ALA B 188 -1.07 -5.44 1.40
C ALA B 188 -2.58 -5.23 1.58
N LEU B 189 -2.99 -4.98 2.82
CA LEU B 189 -4.39 -4.84 3.18
C LEU B 189 -4.88 -3.46 2.87
N LYS B 190 -4.00 -2.49 2.89
CA LYS B 190 -4.48 -1.15 2.77
C LYS B 190 -3.41 -0.10 2.64
N GLY B 191 -2.61 -0.19 1.61
CA GLY B 191 -1.75 0.90 1.24
C GLY B 191 -0.98 1.57 2.34
N GLY B 192 -0.97 0.96 3.49
CA GLY B 192 -0.03 1.36 4.51
C GLY B 192 -0.46 2.44 5.47
N TYR B 193 -1.76 2.65 5.51
CA TYR B 193 -2.42 3.51 6.49
C TYR B 193 -3.83 3.02 6.82
N ASN B 194 -4.52 3.77 7.68
CA ASN B 194 -5.89 3.45 8.05
C ASN B 194 -6.83 4.64 7.93
N GLU B 195 -8.08 4.45 8.36
CA GLU B 195 -9.10 5.49 8.25
C GLU B 195 -8.80 6.71 9.12
N LEU B 196 -7.81 6.60 9.99
CA LEU B 196 -7.46 7.70 10.87
C LEU B 196 -6.73 8.81 10.13
N CYS B 197 -6.49 8.60 8.83
CA CYS B 197 -5.93 9.65 8.00
C CYS B 197 -6.98 10.73 7.76
N ASP B 198 -8.25 10.34 7.74
CA ASP B 198 -9.36 11.28 7.56
C ASP B 198 -9.47 12.28 8.71
N ILE B 199 -9.19 11.84 9.93
CA ILE B 199 -9.27 12.71 11.09
C ILE B 199 -8.15 13.76 11.01
N TRP B 200 -6.99 13.34 10.51
CA TRP B 200 -5.89 14.28 10.30
C TRP B 200 -6.28 15.35 9.29
N SER B 201 -6.84 14.92 8.16
CA SER B 201 -7.25 15.84 7.10
C SER B 201 -8.33 16.82 7.59
N LEU B 202 -9.21 16.35 8.46
CA LEU B 202 -10.23 17.23 9.01
C LEU B 202 -9.59 18.33 9.86
N GLY B 203 -8.63 17.92 10.70
CA GLY B 203 -7.87 18.86 11.50
C GLY B 203 -7.23 19.93 10.65
N ILE B 204 -6.57 19.52 9.57
CA ILE B 204 -5.99 20.46 8.60
C ILE B 204 -7.09 21.33 7.99
N THR B 205 -8.22 20.71 7.66
CA THR B 205 -9.36 21.43 7.07
C THR B 205 -9.90 22.51 8.01
N ALA B 206 -9.96 22.20 9.30
CA ALA B 206 -10.39 23.21 10.28
C ALA B 206 -9.46 24.41 10.26
N ILE B 207 -8.15 24.15 10.18
CA ILE B 207 -7.17 25.23 10.10
C ILE B 207 -7.35 25.98 8.78
N GLU B 208 -7.58 25.24 7.70
CA GLU B 208 -7.88 25.84 6.40
C GLU B 208 -9.11 26.74 6.45
N LEU B 209 -10.13 26.30 7.18
CA LEU B 209 -11.36 27.07 7.29
C LEU B 209 -11.15 28.32 8.15
N ALA B 210 -10.15 28.25 9.02
CA ALA B 210 -9.85 29.34 9.94
C ALA B 210 -8.93 30.40 9.33
N GLU B 211 -8.11 29.99 8.35
CA GLU B 211 -7.05 30.87 7.86
C GLU B 211 -6.97 31.01 6.34
N LEU B 212 -7.91 30.37 5.64
CA LEU B 212 -8.02 30.41 4.17
C LEU B 212 -6.92 29.63 3.45
N GLN B 213 -6.00 29.05 4.23
CA GLN B 213 -4.91 28.25 3.69
C GLN B 213 -4.62 27.06 4.59
N PRO B 214 -4.27 25.91 4.00
CA PRO B 214 -3.75 24.85 4.87
C PRO B 214 -2.35 25.22 5.33
N PRO B 215 -1.87 24.57 6.40
CA PRO B 215 -0.49 24.85 6.84
C PRO B 215 0.51 24.46 5.76
N LEU B 216 1.50 25.32 5.53
CA LEU B 216 2.63 25.07 4.62
C LEU B 216 2.23 25.17 3.14
N PHE B 217 1.13 25.87 2.88
CA PHE B 217 0.64 26.07 1.51
C PHE B 217 1.60 26.92 0.67
N ASP B 218 2.50 27.64 1.34
CA ASP B 218 3.51 28.47 0.67
C ASP B 218 4.78 27.67 0.37
N VAL B 219 4.80 26.43 0.82
CA VAL B 219 5.93 25.54 0.60
C VAL B 219 5.62 24.61 -0.57
N HIS B 220 6.61 24.37 -1.43
CA HIS B 220 6.40 23.50 -2.58
C HIS B 220 5.91 22.13 -2.12
N PRO B 221 4.90 21.58 -2.82
CA PRO B 221 4.25 20.30 -2.49
C PRO B 221 5.22 19.16 -2.23
N LEU B 222 6.16 18.95 -3.15
CA LEU B 222 7.12 17.84 -2.99
C LEU B 222 7.97 18.02 -1.75
N ARG B 223 8.28 19.28 -1.41
CA ARG B 223 9.05 19.56 -0.21
C ARG B 223 8.22 19.25 1.04
N VAL B 224 6.93 19.55 1.00
CA VAL B 224 6.06 19.28 2.13
C VAL B 224 5.97 17.77 2.37
N LEU B 225 5.88 17.01 1.28
CA LEU B 225 5.86 15.55 1.36
C LEU B 225 7.11 15.03 2.06
N PHE B 226 8.24 15.59 1.65
CA PHE B 226 9.55 15.29 2.23
C PHE B 226 9.58 15.61 3.71
N LEU B 227 9.24 16.85 4.06
CA LEU B 227 9.32 17.32 5.43
C LEU B 227 8.42 16.53 6.37
N MET B 228 7.27 16.10 5.86
CA MET B 228 6.31 15.36 6.70
C MET B 228 6.80 13.96 7.01
N THR B 229 7.55 13.37 6.09
CA THR B 229 8.07 12.02 6.29
C THR B 229 9.19 12.00 7.33
N LYS B 230 9.94 13.09 7.41
CA LYS B 230 11.10 13.15 8.29
C LYS B 230 10.70 13.07 9.75
N SER B 231 11.42 12.22 10.49
CA SER B 231 11.22 12.09 11.92
C SER B 231 11.54 13.41 12.62
N GLY B 232 10.55 13.97 13.29
CA GLY B 232 10.74 15.25 13.95
C GLY B 232 9.99 16.38 13.28
N TYR B 233 9.18 16.05 12.29
CA TYR B 233 8.23 17.02 11.74
C TYR B 233 7.18 17.29 12.80
N GLN B 234 6.95 18.56 13.13
CA GLN B 234 5.98 18.86 14.17
C GLN B 234 4.66 19.32 13.59
N PRO B 235 3.56 18.68 14.03
CA PRO B 235 2.17 19.01 13.66
C PRO B 235 1.90 20.51 13.67
N PRO B 236 1.06 20.97 12.73
CA PRO B 236 0.71 22.38 12.60
C PRO B 236 -0.14 22.89 13.77
N ARG B 237 -0.26 24.21 13.86
CA ARG B 237 -1.07 24.87 14.87
C ARG B 237 -1.78 26.03 14.21
N LEU B 238 -2.83 26.54 14.84
CA LEU B 238 -3.45 27.75 14.32
C LEU B 238 -2.45 28.90 14.46
N LYS B 239 -2.40 29.76 13.45
CA LYS B 239 -1.46 30.88 13.46
C LYS B 239 -1.63 31.75 14.71
N GLU B 240 -2.79 32.40 14.83
CA GLU B 240 -3.06 33.21 16.02
C GLU B 240 -3.61 32.39 17.16
N LYS B 241 -3.02 32.55 18.35
CA LYS B 241 -3.46 31.80 19.51
C LYS B 241 -4.70 32.43 20.14
N GLY B 242 -4.83 33.75 20.02
CA GLY B 242 -5.85 34.49 20.73
C GLY B 242 -7.20 34.66 20.05
N LYS B 243 -7.31 34.20 18.80
CA LYS B 243 -8.58 34.31 18.07
C LYS B 243 -9.47 33.12 18.39
N TRP B 244 -8.91 32.13 19.06
CA TRP B 244 -9.61 30.87 19.26
C TRP B 244 -9.58 30.42 20.70
N SER B 245 -10.66 29.73 21.11
CA SER B 245 -10.76 29.19 22.47
C SER B 245 -9.74 28.09 22.68
N ALA B 246 -9.68 27.57 23.90
CA ALA B 246 -8.77 26.47 24.22
C ALA B 246 -9.31 25.14 23.68
N ALA B 247 -10.63 25.05 23.59
CA ALA B 247 -11.28 23.85 23.05
C ALA B 247 -10.92 23.64 21.59
N PHE B 248 -10.82 24.73 20.84
CA PHE B 248 -10.47 24.67 19.42
C PHE B 248 -9.00 24.32 19.27
N HIS B 249 -8.13 25.01 20.02
CA HIS B 249 -6.70 24.73 20.03
C HIS B 249 -6.44 23.26 20.32
N ASN B 250 -7.22 22.69 21.24
CA ASN B 250 -7.07 21.29 21.59
C ASN B 250 -7.62 20.36 20.52
N PHE B 251 -8.72 20.78 19.87
CA PHE B 251 -9.30 19.99 18.78
C PHE B 251 -8.25 19.80 17.69
N ILE B 252 -7.60 20.89 17.33
CA ILE B 252 -6.53 20.86 16.34
C ILE B 252 -5.38 19.99 16.82
N LYS B 253 -4.96 20.20 18.06
CA LYS B 253 -3.86 19.45 18.64
C LYS B 253 -4.14 17.94 18.70
N VAL B 254 -5.38 17.57 19.00
CA VAL B 254 -5.72 16.17 19.18
C VAL B 254 -6.02 15.48 17.84
N THR B 255 -6.56 16.21 16.87
CA THR B 255 -6.81 15.61 15.55
C THR B 255 -5.48 15.48 14.81
N LEU B 256 -4.58 16.43 15.05
CA LEU B 256 -3.28 16.43 14.40
C LEU B 256 -2.22 15.70 15.23
N THR B 257 -2.57 14.51 15.70
CA THR B 257 -1.63 13.64 16.36
C THR B 257 -0.86 12.83 15.32
N LYS B 258 0.46 12.98 15.30
CA LYS B 258 1.32 12.34 14.29
C LYS B 258 1.12 10.84 14.20
N SER B 259 1.18 10.16 15.33
CA SER B 259 1.03 8.71 15.33
C SER B 259 -0.40 8.33 14.99
N PRO B 260 -0.58 7.54 13.91
CA PRO B 260 -1.88 6.97 13.56
C PRO B 260 -2.29 5.88 14.55
N LYS B 261 -1.50 5.75 15.60
CA LYS B 261 -1.70 4.75 16.64
C LYS B 261 -2.42 5.38 17.83
N LYS B 262 -2.21 6.67 18.02
CA LYS B 262 -2.78 7.40 19.16
C LYS B 262 -3.75 8.49 18.71
N ARG B 263 -3.97 8.62 17.40
CA ARG B 263 -4.90 9.61 16.89
C ARG B 263 -6.34 9.12 17.07
N PRO B 264 -7.20 9.97 17.68
CA PRO B 264 -8.58 9.61 18.01
C PRO B 264 -9.41 9.25 16.80
N SER B 265 -10.35 8.32 16.97
CA SER B 265 -11.28 7.94 15.91
C SER B 265 -12.35 9.01 15.72
N ALA B 266 -13.19 8.83 14.71
CA ALA B 266 -14.26 9.78 14.43
C ALA B 266 -15.19 9.89 15.62
N THR B 267 -15.78 8.75 15.99
CA THR B 267 -16.76 8.67 17.06
C THR B 267 -16.22 9.20 18.40
N LYS B 268 -14.95 8.95 18.66
CA LYS B 268 -14.29 9.47 19.86
C LYS B 268 -14.24 11.00 19.80
N MET B 269 -13.98 11.54 18.61
CA MET B 269 -13.91 12.99 18.43
C MET B 269 -15.28 13.68 18.53
N LEU B 270 -16.36 12.94 18.24
CA LEU B 270 -17.69 13.53 18.33
C LEU B 270 -18.05 13.92 19.76
N SER B 271 -17.39 13.30 20.73
CA SER B 271 -17.62 13.62 22.13
C SER B 271 -16.70 14.75 22.60
N HIS B 272 -15.82 15.21 21.70
CA HIS B 272 -14.94 16.32 22.04
C HIS B 272 -15.75 17.57 22.34
N GLN B 273 -15.23 18.41 23.24
CA GLN B 273 -15.92 19.61 23.68
C GLN B 273 -16.34 20.53 22.55
N LEU B 274 -15.46 20.71 21.57
CA LEU B 274 -15.68 21.67 20.49
C LEU B 274 -16.92 21.35 19.65
N VAL B 275 -17.13 20.07 19.37
CA VAL B 275 -18.23 19.66 18.50
C VAL B 275 -19.44 19.16 19.25
N SER B 276 -19.32 19.04 20.57
CA SER B 276 -20.44 18.58 21.40
C SER B 276 -21.15 19.77 22.03
N GLN B 277 -20.64 20.96 21.73
CA GLN B 277 -21.26 22.23 22.10
C GLN B 277 -22.74 22.31 21.76
N PRO B 278 -23.58 22.68 22.73
CA PRO B 278 -24.92 23.12 22.37
C PRO B 278 -24.84 24.40 21.52
N GLY B 279 -25.82 24.65 20.67
CA GLY B 279 -25.82 25.83 19.82
C GLY B 279 -25.20 25.63 18.46
N LEU B 280 -24.89 24.39 18.11
CA LEU B 280 -24.37 24.09 16.78
C LEU B 280 -25.50 23.66 15.87
N ASN B 281 -25.75 24.46 14.83
CA ASN B 281 -26.78 24.14 13.87
C ASN B 281 -26.52 24.83 12.54
N ARG B 282 -27.29 24.45 11.52
CA ARG B 282 -27.11 25.00 10.18
C ARG B 282 -27.28 26.52 10.12
N GLY B 283 -27.87 27.10 11.15
CA GLY B 283 -28.01 28.55 11.23
C GLY B 283 -26.66 29.24 11.13
N LEU B 284 -25.63 28.61 11.69
CA LEU B 284 -24.28 29.15 11.65
C LEU B 284 -23.76 29.31 10.21
N ILE B 285 -24.11 28.37 9.34
CA ILE B 285 -23.63 28.45 7.97
C ILE B 285 -24.54 29.37 7.15
N LEU B 286 -25.83 29.36 7.46
CA LEU B 286 -26.75 30.35 6.88
C LEU B 286 -26.24 31.76 7.12
N ASP B 287 -25.66 31.99 8.30
CA ASP B 287 -25.00 33.27 8.59
C ASP B 287 -23.87 33.54 7.61
N LEU B 288 -23.09 32.51 7.32
CA LEU B 288 -21.97 32.63 6.39
C LEU B 288 -22.50 32.95 5.00
N LEU B 289 -23.55 32.25 4.59
CA LEU B 289 -24.17 32.48 3.29
C LEU B 289 -24.78 33.88 3.20
N ASP B 290 -25.32 34.38 4.31
CA ASP B 290 -25.83 35.74 4.34
C ASP B 290 -24.70 36.71 4.05
N LYS B 291 -23.55 36.41 4.61
CA LYS B 291 -22.37 37.26 4.47
C LYS B 291 -21.90 37.28 3.03
N LEU B 292 -22.28 36.24 2.31
CA LEU B 292 -21.80 35.98 0.95
C LEU B 292 -22.55 36.80 -0.08
N LYS B 293 -23.78 37.20 0.25
CA LYS B 293 -24.65 37.87 -0.71
C LYS B 293 -24.81 39.36 -0.41
N ASN B 294 -24.07 39.88 0.56
CA ASN B 294 -24.13 41.30 0.91
C ASN B 294 -22.76 41.88 1.21
N GLY B 295 -22.37 41.77 2.48
CA GLY B 295 -21.07 42.25 2.92
C GLY B 295 -20.41 41.30 3.90
PG ANP C . 6.59 -19.70 -6.32
O1G ANP C . 7.37 -20.33 -5.10
O2G ANP C . 5.13 -19.99 -6.15
O3G ANP C . 6.85 -18.13 -6.39
PB ANP C . 7.93 -19.34 -8.77
O1B ANP C . 7.16 -19.27 -10.11
O2B ANP C . 7.95 -17.97 -8.19
N3B ANP C . 7.17 -20.43 -7.74
PA ANP C . 10.43 -20.14 -7.87
O1A ANP C . 11.81 -20.04 -8.40
O2A ANP C . 10.17 -19.25 -6.65
O3A ANP C . 9.38 -19.81 -9.03
O5' ANP C . 10.14 -21.59 -7.36
C5' ANP C . 10.49 -22.74 -8.10
C4' ANP C . 10.82 -23.88 -7.17
O4' ANP C . 11.58 -24.84 -7.93
C3' ANP C . 11.66 -23.53 -5.95
O3' ANP C . 10.89 -23.37 -4.76
C2' ANP C . 12.59 -24.73 -5.82
O2' ANP C . 11.91 -25.83 -5.21
C1' ANP C . 12.81 -25.09 -7.29
N9 ANP C . 13.86 -24.32 -7.94
C8 ANP C . 13.79 -23.03 -8.42
N7 ANP C . 14.89 -22.60 -8.97
C5 ANP C . 15.76 -23.68 -8.85
C6 ANP C . 17.10 -23.86 -9.23
N6 ANP C . 17.83 -22.93 -9.84
N1 ANP C . 17.67 -25.06 -8.95
C2 ANP C . 16.94 -25.99 -8.34
N3 ANP C . 15.67 -25.93 -7.93
C4 ANP C . 15.14 -24.74 -8.21
MG MG D . 9.22 -19.27 -4.72
MG MG E . 8.04 -16.29 -6.63
MG MG F . -12.68 17.93 -5.28
PG ANP G . -10.57 17.27 -8.05
O1G ANP G . -9.72 16.22 -7.23
O2G ANP G . -11.44 18.13 -7.05
O3G ANP G . -9.65 18.18 -8.80
PB ANP G . -13.11 17.15 -9.13
O1B ANP G . -14.04 16.37 -10.11
O2B ANP G . -13.00 18.57 -9.57
N3B ANP G . -11.58 16.46 -9.13
PA ANP G . -15.01 17.78 -7.15
O1A ANP G . -16.21 17.00 -7.52
O2A ANP G . -14.81 17.97 -5.64
O3A ANP G . -13.67 17.08 -7.67
O5' ANP G . -15.11 19.20 -7.85
C5' ANP G . -16.39 19.69 -8.25
C4' ANP G . -16.65 21.08 -7.74
O4' ANP G . -17.92 21.52 -8.28
C3' ANP G . -16.76 21.22 -6.22
O3' ANP G . -15.55 21.66 -5.60
C2' ANP G . -17.89 22.24 -6.04
O2' ANP G . -17.42 23.58 -6.15
C1' ANP G . -18.80 21.89 -7.21
N9 ANP G . -19.72 20.78 -6.95
C8 ANP G . -19.45 19.44 -6.98
N7 ANP G . -20.48 18.68 -6.67
C5 ANP G . -21.49 19.59 -6.44
C6 ANP G . -22.85 19.43 -6.06
N6 ANP G . -23.42 18.24 -5.87
N1 ANP G . -23.59 20.55 -5.92
C2 ANP G . -23.02 21.74 -6.10
N3 ANP G . -21.76 22.01 -6.44
C4 ANP G . -21.04 20.89 -6.60
#